data_8JYR
#
_entry.id   8JYR
#
_cell.length_a   53.979
_cell.length_b   112.291
_cell.length_c   60.537
_cell.angle_alpha   90.000
_cell.angle_beta   90.761
_cell.angle_gamma   90.000
#
_symmetry.space_group_name_H-M   'P 1 21 1'
#
loop_
_entity.id
_entity.type
_entity.pdbx_description
1 polymer 'Receptor tyrosine-protein kinase erbB-2'
2 polymer 'H2Mab-119 VH-CH1'
3 polymer 'H2Mab-119 light chain'
4 non-polymer 2-acetamido-2-deoxy-beta-D-glucopyranose
5 water water
#
loop_
_entity_poly.entity_id
_entity_poly.type
_entity_poly.pdbx_seq_one_letter_code
_entity_poly.pdbx_strand_id
1 'polypeptide(L)'
;TQVCTGTDMKLRLPASPETHLDMLRHLYQGCQVVQGNLELTYLPTNASLSFLQDIQEVQGYVLIAHNQVRQVPLQRLRIV
RGTQLFEDNYALAVLDNGDPLNNTTPVTGASPGGLRELQLRSLTEILKGGVLIQRNPQLCYQDTILWKDIFHKNNQLALT
LIDTNRSRACHPCSPMCKGSRCWGESSEDCQSLTASHHHHHH
;
A
2 'polypeptide(L)'
;EIQLQQSGPELVKPGASVKVSCKASGYAFTSYNMYWVKQSHGKSLEWIGYIDPKHGGTSYNQKFKGKATMTVDKSSNTAN
MHLNSLTSEDSAVYYCARMNYGSGYAMDYWGQGTSVTVSSAKTTPPSVYPLAPGSAAQTNSMVTLGCLVKGYFPEPVTVT
WNSGSLSSGVHTFPAVLQSDLYTLSSSVTVPSSTWPSETVTCNVAHPASSTKVDKKIVPRDC
;
H
3 'polypeptide(L)'
;NIVLTQSPASLAVSLGQRATISCRASESVDSYGNSFMHWYQQKPGQPPKLLIFLASNLESGVPPRFSGSGSRTDFTLTID
PVEADDAATYYCQQNNEDLRTFGGGTKLEIKRADAAPTVSIFPPSSEQLTSGGASVVCFLNNFYPKDINVKWKIDGSERQ
NGVLNSWTDQDSKDSTYSMSSTLTLTKDEYERHNSYTCEATHKTSTSPIVKSFNRNEC
;
L
#
# COMPACT_ATOMS: atom_id res chain seq x y z
N THR A 1 23.82 -39.10 7.37
CA THR A 1 24.21 -38.51 8.63
C THR A 1 23.25 -38.95 9.74
N GLN A 2 23.60 -38.67 10.99
CA GLN A 2 22.72 -38.98 12.11
C GLN A 2 21.66 -37.91 12.31
N VAL A 3 20.40 -38.34 12.35
CA VAL A 3 19.27 -37.41 12.50
C VAL A 3 18.64 -37.64 13.86
N CYS A 4 18.03 -36.59 14.37
CA CYS A 4 17.26 -36.64 15.60
C CYS A 4 16.01 -35.78 15.38
N THR A 5 15.05 -35.98 16.26
CA THR A 5 13.79 -35.23 16.23
C THR A 5 13.94 -34.01 17.13
N GLY A 6 13.39 -32.88 16.73
CA GLY A 6 13.47 -31.68 17.55
C GLY A 6 12.34 -31.63 18.57
N THR A 7 12.27 -30.53 19.31
CA THR A 7 11.29 -30.33 20.38
C THR A 7 10.28 -29.24 20.01
N ASP A 8 9.25 -29.10 20.82
CA ASP A 8 8.36 -27.96 20.64
C ASP A 8 7.95 -27.42 22.03
N MET A 9 8.94 -27.21 22.90
CA MET A 9 8.68 -26.73 24.26
C MET A 9 8.53 -25.21 24.33
N LYS A 10 9.07 -24.47 23.36
CA LYS A 10 9.06 -22.99 23.34
C LYS A 10 9.67 -22.51 24.67
N LEU A 11 9.04 -21.55 25.37
CA LEU A 11 9.65 -20.94 26.54
C LEU A 11 9.18 -21.55 27.86
N ARG A 12 8.48 -22.68 27.84
CA ARG A 12 7.98 -23.27 29.08
C ARG A 12 9.12 -23.66 30.04
N LEU A 13 8.92 -23.41 31.30
CA LEU A 13 9.92 -23.76 32.30
C LEU A 13 9.96 -25.29 32.42
N PRO A 14 11.14 -25.92 32.45
CA PRO A 14 11.18 -27.38 32.59
C PRO A 14 10.70 -27.87 33.95
N ALA A 15 10.30 -29.15 34.01
CA ALA A 15 9.84 -29.73 35.24
C ALA A 15 10.97 -29.86 36.26
N SER A 16 12.21 -30.06 35.79
CA SER A 16 13.35 -30.36 36.65
C SER A 16 14.62 -30.02 35.90
N PRO A 17 15.60 -29.34 36.52
CA PRO A 17 16.85 -29.11 35.79
C PRO A 17 17.52 -30.40 35.35
N GLU A 18 17.51 -31.44 36.21
CA GLU A 18 18.18 -32.68 35.86
C GLU A 18 17.48 -33.39 34.68
N THR A 19 16.14 -33.53 34.74
CA THR A 19 15.47 -34.28 33.68
C THR A 19 15.55 -33.51 32.37
N HIS A 20 15.56 -32.18 32.45
CA HIS A 20 15.73 -31.32 31.29
C HIS A 20 17.06 -31.56 30.58
N LEU A 21 18.18 -31.46 31.32
CA LEU A 21 19.47 -31.62 30.67
C LEU A 21 19.65 -33.05 30.19
N ASP A 22 19.19 -34.03 30.99
CA ASP A 22 19.23 -35.43 30.57
C ASP A 22 18.43 -35.63 29.28
N MET A 23 17.28 -34.97 29.15
CA MET A 23 16.50 -35.14 27.94
C MET A 23 17.25 -34.56 26.75
N LEU A 24 17.84 -33.37 26.92
CA LEU A 24 18.51 -32.77 25.78
C LEU A 24 19.77 -33.56 25.40
N ARG A 25 20.52 -34.03 26.40
CA ARG A 25 21.70 -34.81 26.10
C ARG A 25 21.35 -36.09 25.34
N HIS A 26 20.35 -36.82 25.82
CA HIS A 26 20.00 -38.06 25.13
C HIS A 26 19.43 -37.79 23.74
N LEU A 27 18.71 -36.69 23.55
CA LEU A 27 18.15 -36.37 22.24
C LEU A 27 19.23 -36.01 21.24
N TYR A 28 20.22 -35.18 21.63
CA TYR A 28 21.10 -34.61 20.63
C TYR A 28 22.50 -35.20 20.57
N GLN A 29 22.92 -35.99 21.56
CA GLN A 29 24.23 -36.63 21.50
C GLN A 29 24.45 -37.29 20.16
N GLY A 30 25.54 -36.92 19.46
CA GLY A 30 25.84 -37.44 18.15
C GLY A 30 24.97 -36.92 17.01
N CYS A 31 23.96 -36.14 17.29
CA CYS A 31 23.03 -35.70 16.26
C CYS A 31 23.67 -34.69 15.31
N GLN A 32 23.43 -34.86 14.02
CA GLN A 32 23.91 -33.91 13.01
C GLN A 32 22.82 -33.10 12.36
N VAL A 33 21.64 -33.66 12.18
CA VAL A 33 20.52 -32.99 11.54
C VAL A 33 19.33 -33.06 12.49
N VAL A 34 18.82 -31.91 12.89
CA VAL A 34 17.69 -31.85 13.80
C VAL A 34 16.45 -31.69 12.93
N GLN A 35 15.60 -32.72 12.91
CA GLN A 35 14.37 -32.67 12.11
C GLN A 35 13.30 -32.08 12.98
N GLY A 36 13.38 -30.79 13.14
CA GLY A 36 12.52 -30.11 14.07
C GLY A 36 13.22 -28.91 14.61
N ASN A 37 12.73 -28.45 15.76
CA ASN A 37 13.28 -27.23 16.34
C ASN A 37 14.36 -27.54 17.35
N LEU A 38 15.42 -26.75 17.31
CA LEU A 38 16.50 -26.84 18.32
C LEU A 38 16.21 -25.79 19.39
N GLU A 39 15.71 -26.24 20.56
CA GLU A 39 15.36 -25.29 21.60
C GLU A 39 16.27 -25.54 22.80
N LEU A 40 17.00 -24.53 23.20
CA LEU A 40 18.02 -24.65 24.24
C LEU A 40 17.68 -23.58 25.26
N THR A 41 17.07 -23.97 26.38
CA THR A 41 16.47 -23.00 27.29
C THR A 41 16.79 -23.36 28.73
N TYR A 42 16.84 -22.32 29.60
CA TYR A 42 16.97 -22.51 31.06
C TYR A 42 18.22 -23.30 31.48
N LEU A 43 19.28 -23.16 30.74
CA LEU A 43 20.46 -23.94 31.05
C LEU A 43 21.39 -23.14 31.99
N PRO A 44 21.85 -23.74 33.08
CA PRO A 44 22.62 -23.01 34.08
C PRO A 44 24.08 -22.93 33.65
N THR A 45 24.84 -22.13 34.40
CA THR A 45 26.21 -21.83 34.02
C THR A 45 27.07 -23.09 33.97
N ASN A 46 26.82 -24.07 34.83
CA ASN A 46 27.69 -25.24 34.85
C ASN A 46 27.24 -26.33 33.87
N ALA A 47 26.25 -26.04 33.02
CA ALA A 47 25.73 -27.04 32.09
C ALA A 47 26.79 -27.51 31.10
N SER A 48 26.94 -28.84 30.99
CA SER A 48 27.82 -29.46 30.01
C SER A 48 27.06 -29.65 28.71
N LEU A 49 27.49 -28.97 27.64
CA LEU A 49 26.69 -28.95 26.41
C LEU A 49 27.43 -29.54 25.22
N SER A 50 28.51 -30.30 25.47
CA SER A 50 29.31 -30.85 24.39
C SER A 50 28.48 -31.77 23.50
N PHE A 51 27.31 -32.18 23.95
CA PHE A 51 26.53 -33.08 23.14
C PHE A 51 25.91 -32.38 21.93
N LEU A 52 25.98 -31.05 21.85
CA LEU A 52 25.47 -30.31 20.71
C LEU A 52 26.48 -30.17 19.58
N GLN A 53 27.72 -30.59 19.78
CA GLN A 53 28.81 -30.11 18.93
C GLN A 53 28.77 -30.71 17.53
N ASP A 54 27.94 -31.73 17.27
CA ASP A 54 27.90 -32.29 15.93
C ASP A 54 26.76 -31.73 15.08
N ILE A 55 25.89 -30.90 15.65
CA ILE A 55 24.74 -30.38 14.91
C ILE A 55 25.22 -29.51 13.75
N GLN A 56 24.79 -29.86 12.54
CA GLN A 56 25.14 -29.15 11.32
C GLN A 56 23.93 -28.51 10.64
N GLU A 57 22.73 -28.98 10.97
CA GLU A 57 21.53 -28.55 10.26
C GLU A 57 20.37 -28.61 11.24
N VAL A 58 19.56 -27.55 11.22
CA VAL A 58 18.29 -27.52 11.96
C VAL A 58 17.17 -27.27 10.94
N GLN A 59 16.18 -28.18 10.87
CA GLN A 59 15.14 -28.06 9.86
C GLN A 59 14.08 -27.07 10.27
N GLY A 60 13.86 -26.91 11.57
CA GLY A 60 12.89 -25.96 12.10
C GLY A 60 13.58 -24.65 12.45
N TYR A 61 13.37 -24.16 13.66
CA TYR A 61 13.97 -22.92 14.14
C TYR A 61 14.92 -23.24 15.28
N VAL A 62 15.79 -22.28 15.59
CA VAL A 62 16.70 -22.35 16.74
C VAL A 62 16.22 -21.34 17.74
N LEU A 63 15.97 -21.78 18.97
CA LEU A 63 15.59 -20.89 20.07
C LEU A 63 16.60 -21.07 21.18
N ILE A 64 17.26 -19.98 21.56
CA ILE A 64 18.22 -19.98 22.68
C ILE A 64 17.70 -18.95 23.66
N ALA A 65 17.16 -19.42 24.80
CA ALA A 65 16.42 -18.49 25.66
C ALA A 65 16.55 -18.82 27.14
N HIS A 66 16.55 -17.77 27.97
CA HIS A 66 16.52 -17.93 29.42
C HIS A 66 17.66 -18.77 29.96
N ASN A 67 18.81 -18.76 29.27
CA ASN A 67 19.99 -19.47 29.77
C ASN A 67 20.94 -18.57 30.54
N GLN A 68 21.65 -19.15 31.54
CA GLN A 68 22.77 -18.47 32.16
C GLN A 68 24.11 -18.94 31.59
N VAL A 69 24.08 -20.07 30.90
CA VAL A 69 25.33 -20.61 30.37
C VAL A 69 26.00 -19.59 29.46
N ARG A 70 27.31 -19.54 29.51
CA ARG A 70 28.00 -18.43 28.85
C ARG A 70 28.31 -18.68 27.39
N GLN A 71 28.33 -19.94 26.98
CA GLN A 71 28.59 -20.34 25.61
C GLN A 71 27.64 -21.47 25.25
N VAL A 72 27.26 -21.51 23.98
CA VAL A 72 26.50 -22.62 23.40
C VAL A 72 27.25 -23.18 22.21
N PRO A 73 27.73 -24.37 22.27
CA PRO A 73 28.72 -24.83 21.27
C PRO A 73 28.05 -25.30 19.98
N LEU A 74 27.60 -24.33 19.18
CA LEU A 74 26.97 -24.61 17.88
C LEU A 74 27.88 -24.15 16.72
N GLN A 75 29.20 -24.30 16.88
CA GLN A 75 30.15 -23.82 15.88
C GLN A 75 30.07 -24.60 14.56
N ARG A 76 29.35 -25.73 14.51
CA ARG A 76 29.25 -26.52 13.30
C ARG A 76 27.92 -26.31 12.57
N LEU A 77 27.02 -25.55 13.16
CA LEU A 77 25.69 -25.33 12.56
C LEU A 77 25.81 -24.54 11.26
N ARG A 78 25.44 -25.17 10.12
CA ARG A 78 25.63 -24.51 8.83
C ARG A 78 24.33 -23.94 8.25
N ILE A 79 23.18 -24.50 8.60
CA ILE A 79 21.95 -24.09 7.91
C ILE A 79 20.79 -24.25 8.87
N VAL A 80 19.88 -23.28 8.84
CA VAL A 80 18.60 -23.37 9.54
C VAL A 80 17.54 -23.25 8.46
N ARG A 81 16.71 -24.29 8.31
CA ARG A 81 15.76 -24.30 7.18
C ARG A 81 14.49 -23.50 7.44
N GLY A 82 14.09 -23.39 8.69
CA GLY A 82 12.93 -22.59 9.06
C GLY A 82 11.64 -23.17 8.57
N THR A 83 11.54 -24.52 8.46
CA THR A 83 10.28 -25.01 7.94
C THR A 83 9.18 -24.80 8.97
N GLN A 84 9.54 -24.74 10.24
CA GLN A 84 8.72 -24.21 11.33
C GLN A 84 9.45 -22.99 11.86
N LEU A 85 8.68 -22.01 12.35
CA LEU A 85 9.32 -20.77 12.80
C LEU A 85 8.81 -20.35 14.18
N PHE A 86 9.70 -19.73 14.95
CA PHE A 86 9.29 -19.25 16.27
C PHE A 86 8.34 -18.07 16.09
N GLU A 87 7.14 -18.17 16.69
CA GLU A 87 6.06 -17.20 16.49
C GLU A 87 5.72 -17.06 15.02
N ASP A 88 6.05 -18.08 14.21
CA ASP A 88 5.79 -18.15 12.77
C ASP A 88 6.57 -17.11 12.00
N ASN A 89 7.60 -16.50 12.63
CA ASN A 89 8.38 -15.44 11.99
C ASN A 89 9.88 -15.68 12.03
N TYR A 90 10.40 -16.30 13.09
CA TYR A 90 11.86 -16.21 13.33
C TYR A 90 12.53 -17.58 13.27
N ALA A 91 13.58 -17.68 12.48
CA ALA A 91 14.35 -18.90 12.37
C ALA A 91 15.41 -18.98 13.47
N LEU A 92 15.84 -17.83 14.01
CA LEU A 92 16.83 -17.78 15.09
C LEU A 92 16.32 -16.78 16.11
N ALA A 93 16.09 -17.24 17.33
CA ALA A 93 15.56 -16.37 18.37
C ALA A 93 16.45 -16.57 19.57
N VAL A 94 17.10 -15.48 20.00
CA VAL A 94 18.05 -15.50 21.12
C VAL A 94 17.54 -14.51 22.14
N LEU A 95 16.99 -15.01 23.23
CA LEU A 95 16.18 -14.19 24.13
C LEU A 95 16.53 -14.36 25.59
N ASP A 96 16.64 -13.24 26.31
CA ASP A 96 16.65 -13.26 27.78
C ASP A 96 17.72 -14.20 28.35
N ASN A 97 18.91 -14.19 27.77
CA ASN A 97 20.02 -15.02 28.28
C ASN A 97 20.91 -14.15 29.19
N GLY A 98 20.75 -14.31 30.48
CA GLY A 98 21.41 -13.50 31.48
C GLY A 98 20.48 -13.29 32.66
N ASP A 99 20.92 -12.47 33.60
CA ASP A 99 20.10 -12.09 34.76
C ASP A 99 19.62 -13.28 35.58
N SER A 111 31.50 -14.03 38.13
CA SER A 111 31.27 -13.62 36.76
C SER A 111 29.79 -13.65 36.42
N PRO A 112 29.27 -12.55 35.84
CA PRO A 112 27.85 -12.53 35.39
C PRO A 112 27.49 -13.71 34.51
N GLY A 113 26.25 -14.23 34.68
CA GLY A 113 25.75 -15.22 33.76
C GLY A 113 25.26 -14.61 32.46
N GLY A 114 25.15 -15.45 31.44
CA GLY A 114 24.55 -15.00 30.19
C GLY A 114 25.47 -15.22 29.02
N LEU A 115 24.88 -15.59 27.88
CA LEU A 115 25.58 -15.83 26.61
C LEU A 115 26.50 -14.65 26.24
N ARG A 116 27.80 -14.93 26.05
CA ARG A 116 28.74 -13.85 25.72
C ARG A 116 28.92 -13.64 24.22
N GLU A 117 28.89 -14.71 23.41
CA GLU A 117 29.02 -14.61 21.95
C GLU A 117 28.16 -15.69 21.36
N LEU A 118 27.67 -15.46 20.15
CA LEU A 118 26.89 -16.49 19.45
C LEU A 118 27.79 -17.60 18.92
N GLN A 119 28.91 -17.24 18.31
CA GLN A 119 29.93 -18.22 17.85
C GLN A 119 29.36 -19.16 16.80
N LEU A 120 28.46 -18.64 15.97
CA LEU A 120 27.86 -19.41 14.88
C LEU A 120 28.73 -19.34 13.63
N ARG A 121 29.99 -19.77 13.83
CA ARG A 121 31.04 -19.64 12.81
C ARG A 121 30.67 -20.28 11.50
N SER A 122 29.91 -21.39 11.52
CA SER A 122 29.58 -22.07 10.27
C SER A 122 28.25 -21.67 9.67
N LEU A 123 27.50 -20.76 10.29
CA LEU A 123 26.15 -20.50 9.82
C LEU A 123 26.20 -19.69 8.53
N THR A 124 25.76 -20.28 7.42
CA THR A 124 25.80 -19.52 6.18
C THR A 124 24.45 -19.37 5.52
N GLU A 125 23.43 -20.08 5.98
CA GLU A 125 22.15 -20.02 5.29
C GLU A 125 21.02 -20.12 6.30
N ILE A 126 20.07 -19.20 6.20
CA ILE A 126 18.76 -19.34 6.82
C ILE A 126 17.75 -19.33 5.68
N LEU A 127 17.03 -20.44 5.47
CA LEU A 127 16.20 -20.54 4.26
C LEU A 127 14.87 -19.80 4.38
N LYS A 128 14.31 -19.75 5.58
CA LYS A 128 13.02 -19.14 5.85
C LYS A 128 13.06 -18.58 7.23
N GLY A 129 12.49 -17.39 7.39
CA GLY A 129 12.30 -16.74 8.67
C GLY A 129 13.46 -15.85 9.04
N GLY A 130 13.27 -15.12 10.14
CA GLY A 130 14.11 -13.99 10.45
C GLY A 130 14.96 -14.23 11.70
N VAL A 131 15.49 -13.13 12.26
CA VAL A 131 16.39 -13.22 13.41
C VAL A 131 15.90 -12.25 14.47
N LEU A 132 15.68 -12.75 15.68
CA LEU A 132 15.21 -11.97 16.82
C LEU A 132 16.22 -12.16 17.94
N ILE A 133 16.86 -11.07 18.37
CA ILE A 133 17.89 -11.13 19.45
C ILE A 133 17.56 -10.04 20.45
N GLN A 134 17.14 -10.41 21.66
CA GLN A 134 16.57 -9.49 22.65
C GLN A 134 17.08 -9.79 24.04
N ARG A 135 17.50 -8.76 24.77
CA ARG A 135 17.70 -8.82 26.23
C ARG A 135 18.73 -9.89 26.64
N ASN A 136 19.95 -9.72 26.12
CA ASN A 136 21.09 -10.60 26.38
C ASN A 136 22.19 -9.67 26.86
N PRO A 137 22.24 -9.36 28.16
CA PRO A 137 23.11 -8.24 28.62
C PRO A 137 24.59 -8.52 28.56
N GLN A 138 25.02 -9.76 28.31
CA GLN A 138 26.46 -10.00 28.17
C GLN A 138 26.84 -10.33 26.73
N LEU A 139 25.89 -10.27 25.81
CA LEU A 139 26.12 -10.68 24.42
C LEU A 139 26.75 -9.58 23.58
N CYS A 140 27.90 -9.92 22.93
CA CYS A 140 28.66 -9.01 22.08
C CYS A 140 28.63 -9.54 20.65
N TYR A 141 28.81 -8.64 19.68
CA TYR A 141 29.07 -8.89 18.25
C TYR A 141 27.85 -9.14 17.40
N GLN A 142 26.66 -9.36 17.98
CA GLN A 142 25.52 -9.71 17.16
C GLN A 142 25.16 -8.58 16.19
N ASP A 143 25.52 -7.33 16.49
CA ASP A 143 25.31 -6.19 15.61
C ASP A 143 26.28 -6.13 14.43
N THR A 144 27.38 -6.89 14.47
CA THR A 144 28.39 -6.80 13.42
C THR A 144 28.08 -7.75 12.25
N ILE A 145 27.17 -8.66 12.44
CA ILE A 145 26.87 -9.66 11.41
C ILE A 145 26.05 -9.04 10.29
N LEU A 146 26.42 -9.38 9.06
CA LEU A 146 25.64 -8.99 7.88
C LEU A 146 24.60 -10.10 7.66
N TRP A 147 23.45 -9.94 8.29
CA TRP A 147 22.44 -10.98 8.17
C TRP A 147 21.95 -11.18 6.75
N LYS A 148 22.05 -10.15 5.88
CA LYS A 148 21.59 -10.33 4.50
C LYS A 148 22.42 -11.37 3.76
N ASP A 149 23.71 -11.53 4.12
CA ASP A 149 24.51 -12.58 3.47
C ASP A 149 24.11 -13.98 3.91
N ILE A 150 23.35 -14.10 5.00
CA ILE A 150 22.93 -15.39 5.55
C ILE A 150 21.54 -15.77 5.09
N PHE A 151 20.63 -14.81 5.03
CA PHE A 151 19.30 -15.13 4.52
C PHE A 151 19.40 -15.60 3.08
N HIS A 152 18.78 -16.73 2.79
CA HIS A 152 18.72 -17.25 1.44
C HIS A 152 17.89 -16.34 0.51
N LYS A 153 18.17 -16.44 -0.78
CA LYS A 153 17.49 -15.55 -1.74
C LYS A 153 15.97 -15.74 -1.73
N ASN A 154 15.48 -16.95 -1.43
CA ASN A 154 14.02 -17.18 -1.43
C ASN A 154 13.41 -17.06 -0.05
N ASN A 155 14.16 -16.53 0.91
CA ASN A 155 13.64 -16.27 2.26
C ASN A 155 12.88 -14.95 2.24
N GLN A 156 11.52 -15.02 2.23
CA GLN A 156 10.70 -13.80 2.17
C GLN A 156 10.16 -13.45 3.55
N LEU A 157 10.76 -13.98 4.62
CA LEU A 157 10.48 -13.53 5.98
C LEU A 157 11.82 -13.18 6.59
N ALA A 158 12.61 -12.42 5.86
CA ALA A 158 13.97 -12.09 6.34
C ALA A 158 13.95 -10.87 7.25
N LEU A 159 13.09 -10.87 8.25
CA LEU A 159 13.01 -9.71 9.10
C LEU A 159 13.99 -9.84 10.29
N THR A 160 14.33 -8.70 10.89
CA THR A 160 15.32 -8.71 11.94
C THR A 160 14.91 -7.75 13.04
N LEU A 161 15.28 -8.11 14.25
CA LEU A 161 15.29 -7.18 15.38
C LEU A 161 16.50 -7.58 16.20
N ILE A 162 17.53 -6.76 16.22
CA ILE A 162 18.79 -7.09 16.89
C ILE A 162 18.96 -6.08 18.02
N ASP A 163 18.66 -6.49 19.25
CA ASP A 163 18.88 -5.63 20.42
C ASP A 163 20.37 -5.67 20.76
N THR A 164 21.01 -4.50 20.79
CA THR A 164 22.43 -4.43 21.12
C THR A 164 22.69 -3.86 22.50
N ASN A 165 21.65 -3.60 23.30
CA ASN A 165 21.90 -3.13 24.68
C ASN A 165 22.69 -4.17 25.46
N ARG A 166 23.74 -3.73 26.14
CA ARG A 166 24.49 -4.72 26.91
C ARG A 166 25.18 -4.00 28.08
N SER A 167 25.64 -4.82 29.01
CA SER A 167 26.20 -4.37 30.28
C SER A 167 27.72 -4.53 30.36
N ARG A 168 28.37 -4.84 29.26
CA ARG A 168 29.83 -4.89 29.24
C ARG A 168 30.33 -4.25 27.94
N ALA A 169 31.58 -3.83 27.95
CA ALA A 169 32.18 -3.24 26.75
C ALA A 169 32.76 -4.37 25.89
N CYS A 170 32.44 -4.39 24.60
CA CYS A 170 32.95 -5.45 23.73
C CYS A 170 34.31 -5.06 23.18
N HIS A 171 35.27 -5.96 23.26
CA HIS A 171 36.52 -5.80 22.52
C HIS A 171 36.19 -5.83 21.02
N PRO A 172 36.92 -5.09 20.18
CA PRO A 172 36.65 -5.12 18.74
C PRO A 172 36.79 -6.53 18.15
N CYS A 173 36.08 -6.78 17.06
CA CYS A 173 36.36 -7.98 16.27
C CYS A 173 37.86 -8.07 16.02
N SER A 174 38.36 -9.31 15.92
CA SER A 174 39.74 -9.52 15.54
C SER A 174 40.11 -8.65 14.35
N PRO A 175 41.28 -8.02 14.35
CA PRO A 175 41.71 -7.28 13.16
C PRO A 175 41.88 -8.17 11.95
N MET A 176 41.79 -9.50 12.11
CA MET A 176 41.88 -10.35 10.95
C MET A 176 40.59 -10.34 10.17
N CYS A 177 39.50 -9.87 10.77
CA CYS A 177 38.16 -10.09 10.21
C CYS A 177 37.85 -9.03 9.17
N LYS A 178 37.53 -9.49 7.96
CA LYS A 178 37.05 -8.59 6.91
C LYS A 178 35.77 -7.89 7.32
N GLY A 179 35.75 -6.57 7.06
CA GLY A 179 34.60 -5.73 7.39
C GLY A 179 34.25 -5.68 8.86
N SER A 180 35.12 -6.16 9.76
CA SER A 180 34.84 -6.14 11.20
C SER A 180 33.52 -6.79 11.54
N ARG A 181 33.26 -7.91 10.90
CA ARG A 181 32.07 -8.73 11.11
C ARG A 181 32.53 -10.04 11.76
N CYS A 182 31.94 -10.40 12.89
CA CYS A 182 32.43 -11.55 13.60
C CYS A 182 31.38 -12.11 14.55
N TRP A 183 31.58 -13.34 14.93
CA TRP A 183 30.72 -14.03 15.87
C TRP A 183 31.32 -14.11 17.26
N GLY A 184 32.48 -13.53 17.47
CA GLY A 184 33.14 -13.59 18.75
C GLY A 184 34.50 -12.95 18.54
N GLU A 185 35.30 -12.94 19.63
CA GLU A 185 36.54 -12.15 19.67
C GLU A 185 37.68 -12.77 18.87
N SER A 186 37.65 -14.08 18.68
CA SER A 186 38.73 -14.86 18.07
C SER A 186 38.88 -14.55 16.57
N SER A 187 40.10 -14.73 16.05
CA SER A 187 40.25 -14.68 14.59
C SER A 187 39.53 -15.85 13.90
N GLU A 188 39.25 -16.96 14.59
CA GLU A 188 38.43 -18.01 13.97
C GLU A 188 36.95 -17.64 13.88
N ASP A 189 36.53 -16.52 14.50
CA ASP A 189 35.11 -16.15 14.57
C ASP A 189 34.67 -15.15 13.52
N CYS A 190 35.53 -14.82 12.56
CA CYS A 190 35.11 -13.90 11.51
C CYS A 190 33.92 -14.47 10.71
N GLN A 191 33.02 -13.58 10.31
CA GLN A 191 31.90 -14.02 9.49
C GLN A 191 32.41 -14.40 8.11
N SER A 192 32.13 -15.65 7.70
CA SER A 192 32.43 -16.11 6.35
C SER A 192 31.43 -15.45 5.40
N LEU A 193 31.91 -14.50 4.59
CA LEU A 193 31.03 -13.70 3.72
C LEU A 193 31.14 -14.08 2.24
N GLU B 1 -15.67 -8.70 11.16
CA GLU B 1 -14.91 -8.63 9.91
C GLU B 1 -13.58 -7.90 10.14
N ILE B 2 -12.57 -8.23 9.35
CA ILE B 2 -11.26 -7.57 9.48
C ILE B 2 -11.33 -6.18 8.88
N GLN B 3 -10.83 -5.18 9.63
CA GLN B 3 -10.75 -3.82 9.11
C GLN B 3 -9.41 -3.21 9.48
N LEU B 4 -8.86 -2.41 8.56
CA LEU B 4 -7.64 -1.66 8.85
C LEU B 4 -7.97 -0.20 8.60
N GLN B 5 -7.95 0.59 9.66
CA GLN B 5 -8.42 1.98 9.58
C GLN B 5 -7.23 2.93 9.67
N GLN B 6 -6.97 3.67 8.58
CA GLN B 6 -5.80 4.54 8.53
C GLN B 6 -6.18 5.95 8.92
N SER B 7 -5.18 6.72 9.33
CA SER B 7 -5.41 8.11 9.70
C SER B 7 -5.65 8.94 8.43
N GLY B 8 -6.20 10.14 8.64
CA GLY B 8 -6.73 10.95 7.55
C GLY B 8 -5.63 11.62 6.76
N PRO B 9 -6.03 12.34 5.70
CA PRO B 9 -5.02 12.94 4.81
C PRO B 9 -4.19 14.00 5.54
N GLU B 10 -2.92 14.08 5.15
CA GLU B 10 -1.97 14.93 5.86
C GLU B 10 -1.37 15.96 4.91
N LEU B 11 -1.30 17.22 5.35
CA LEU B 11 -0.54 18.25 4.65
C LEU B 11 0.68 18.52 5.50
N VAL B 12 1.87 18.42 4.89
CA VAL B 12 3.12 18.60 5.63
C VAL B 12 4.04 19.50 4.82
N LYS B 13 4.80 20.34 5.53
CA LYS B 13 5.75 21.22 4.88
C LYS B 13 7.00 20.43 4.48
N PRO B 14 7.66 20.85 3.40
CA PRO B 14 8.94 20.25 3.02
C PRO B 14 9.95 20.27 4.18
N GLY B 15 10.64 19.14 4.36
CA GLY B 15 11.62 18.97 5.43
C GLY B 15 11.05 18.41 6.72
N ALA B 16 9.73 18.45 6.89
CA ALA B 16 9.11 18.00 8.12
C ALA B 16 8.94 16.49 8.07
N SER B 17 8.26 15.95 9.07
CA SER B 17 7.96 14.52 9.20
C SER B 17 6.46 14.33 9.38
N VAL B 18 6.01 13.08 9.20
CA VAL B 18 4.60 12.76 9.32
C VAL B 18 4.46 11.36 9.90
N LYS B 19 3.42 11.16 10.71
CA LYS B 19 3.09 9.82 11.21
C LYS B 19 1.77 9.33 10.59
N VAL B 20 1.83 8.20 9.88
CA VAL B 20 0.66 7.53 9.28
C VAL B 20 0.32 6.34 10.17
N SER B 21 -0.94 6.25 10.62
CA SER B 21 -1.36 5.20 11.54
C SER B 21 -2.33 4.25 10.85
N CYS B 22 -2.41 3.04 11.39
CA CYS B 22 -3.17 1.94 10.78
C CYS B 22 -3.71 1.11 11.95
N LYS B 23 -4.98 1.28 12.28
CA LYS B 23 -5.58 0.59 13.42
C LYS B 23 -6.25 -0.69 12.94
N ALA B 24 -5.84 -1.83 13.51
CA ALA B 24 -6.31 -3.13 13.06
C ALA B 24 -7.43 -3.58 13.98
N SER B 25 -8.46 -4.20 13.42
CA SER B 25 -9.48 -4.84 14.24
C SER B 25 -10.00 -6.06 13.49
N GLY B 26 -10.63 -6.98 14.26
CA GLY B 26 -11.25 -8.18 13.70
C GLY B 26 -10.37 -9.42 13.67
N TYR B 27 -9.14 -9.33 14.17
CA TYR B 27 -8.21 -10.45 14.21
C TYR B 27 -7.17 -10.15 15.28
N ALA B 28 -6.34 -11.15 15.60
CA ALA B 28 -5.24 -10.99 16.57
C ALA B 28 -4.10 -10.17 15.96
N PHE B 29 -4.02 -8.90 16.35
CA PHE B 29 -3.06 -7.98 15.73
C PHE B 29 -1.62 -8.52 15.77
N THR B 30 -1.19 -9.09 16.90
CA THR B 30 0.20 -9.51 16.99
C THR B 30 0.47 -10.86 16.32
N SER B 31 -0.53 -11.48 15.70
CA SER B 31 -0.33 -12.76 15.02
C SER B 31 -0.04 -12.65 13.52
N TYR B 32 -0.04 -11.42 12.96
CA TYR B 32 0.21 -11.22 11.54
C TYR B 32 1.14 -10.03 11.31
N ASN B 33 2.05 -10.19 10.35
CA ASN B 33 2.88 -9.05 9.97
C ASN B 33 2.05 -8.03 9.20
N MET B 34 2.53 -6.77 9.22
CA MET B 34 1.83 -5.66 8.57
C MET B 34 2.78 -5.08 7.54
N TYR B 35 2.30 -5.04 6.28
CA TYR B 35 3.01 -4.44 5.17
C TYR B 35 2.72 -2.96 5.11
N TRP B 36 3.69 -2.21 4.60
CA TRP B 36 3.44 -0.81 4.22
C TRP B 36 3.78 -0.63 2.75
N VAL B 37 2.98 0.16 2.01
CA VAL B 37 3.07 0.23 0.56
C VAL B 37 2.87 1.69 0.15
N LYS B 38 3.62 2.18 -0.85
CA LYS B 38 3.48 3.54 -1.33
C LYS B 38 2.85 3.49 -2.72
N GLN B 39 2.01 4.48 -3.05
CA GLN B 39 1.55 4.65 -4.42
C GLN B 39 1.51 6.13 -4.74
N SER B 40 2.45 6.58 -5.57
CA SER B 40 2.39 7.92 -6.12
C SER B 40 1.24 8.02 -7.11
N HIS B 41 0.75 9.25 -7.31
CA HIS B 41 -0.42 9.45 -8.15
C HIS B 41 -0.19 8.94 -9.57
N GLY B 42 -1.12 8.10 -10.05
CA GLY B 42 -0.99 7.52 -11.37
C GLY B 42 0.14 6.54 -11.56
N LYS B 43 0.78 6.10 -10.49
CA LYS B 43 1.93 5.20 -10.59
C LYS B 43 1.59 3.84 -9.97
N SER B 44 2.55 2.95 -10.01
CA SER B 44 2.32 1.62 -9.46
C SER B 44 2.57 1.61 -7.94
N LEU B 45 2.27 0.46 -7.37
CA LEU B 45 2.46 0.20 -5.96
C LEU B 45 3.91 -0.17 -5.68
N GLU B 46 4.44 0.36 -4.59
CA GLU B 46 5.81 0.08 -4.20
C GLU B 46 5.84 -0.43 -2.77
N TRP B 47 6.57 -1.53 -2.53
CA TRP B 47 6.71 -2.07 -1.19
C TRP B 47 7.69 -1.24 -0.34
N ILE B 48 7.26 -0.81 0.84
CA ILE B 48 8.14 -0.06 1.75
C ILE B 48 8.80 -1.02 2.76
N GLY B 49 8.01 -1.88 3.39
CA GLY B 49 8.58 -2.77 4.39
C GLY B 49 7.47 -3.55 5.04
N TYR B 50 7.81 -4.35 6.06
CA TYR B 50 6.77 -5.00 6.86
C TYR B 50 7.32 -5.15 8.28
N ILE B 51 6.41 -5.28 9.23
CA ILE B 51 6.79 -5.36 10.63
C ILE B 51 5.98 -6.45 11.31
N ASP B 52 6.62 -7.11 12.26
CA ASP B 52 5.97 -8.05 13.18
C ASP B 52 5.54 -7.28 14.42
N PRO B 53 4.24 -7.13 14.68
CA PRO B 53 3.83 -6.38 15.86
C PRO B 53 4.18 -7.03 17.18
N LYS B 54 4.34 -8.36 17.25
CA LYS B 54 4.51 -9.00 18.56
C LYS B 54 5.88 -8.67 19.18
N HIS B 55 6.95 -8.82 18.41
CA HIS B 55 8.31 -8.60 18.88
C HIS B 55 9.05 -7.48 18.18
N GLY B 56 8.48 -6.90 17.11
CA GLY B 56 9.04 -5.72 16.45
C GLY B 56 10.05 -5.98 15.36
N GLY B 57 10.25 -7.24 14.95
CA GLY B 57 11.10 -7.49 13.79
C GLY B 57 10.63 -6.70 12.58
N THR B 58 11.59 -6.24 11.77
CA THR B 58 11.23 -5.46 10.60
C THR B 58 12.06 -5.86 9.39
N SER B 59 11.46 -5.63 8.23
CA SER B 59 12.21 -5.75 6.98
C SER B 59 11.87 -4.54 6.13
N TYR B 60 12.90 -3.83 5.67
CA TYR B 60 12.67 -2.64 4.86
C TYR B 60 13.15 -2.85 3.44
N ASN B 61 12.41 -2.29 2.49
CA ASN B 61 12.98 -2.06 1.16
C ASN B 61 14.14 -1.09 1.30
N GLN B 62 15.30 -1.46 0.75
CA GLN B 62 16.46 -0.58 0.83
C GLN B 62 16.17 0.83 0.34
N LYS B 63 15.30 0.96 -0.66
CA LYS B 63 14.93 2.26 -1.24
C LYS B 63 14.31 3.19 -0.19
N PHE B 64 13.68 2.63 0.84
CA PHE B 64 13.00 3.42 1.86
C PHE B 64 13.72 3.37 3.20
N LYS B 65 14.91 2.78 3.25
CA LYS B 65 15.63 2.75 4.52
C LYS B 65 15.99 4.17 4.92
N GLY B 66 15.53 4.62 6.08
CA GLY B 66 15.91 5.94 6.53
C GLY B 66 15.01 7.06 6.04
N LYS B 67 14.09 6.77 5.13
CA LYS B 67 12.93 7.62 4.85
C LYS B 67 11.74 7.19 5.71
N ALA B 68 11.57 5.89 5.92
CA ALA B 68 10.43 5.32 6.62
C ALA B 68 10.95 4.59 7.86
N THR B 69 10.16 4.65 8.95
CA THR B 69 10.43 3.87 10.17
C THR B 69 9.12 3.26 10.58
N MET B 70 9.09 1.93 10.74
CA MET B 70 7.87 1.25 11.14
C MET B 70 7.90 0.96 12.64
N THR B 71 6.78 1.21 13.31
CA THR B 71 6.67 0.91 14.75
C THR B 71 5.26 0.37 14.98
N VAL B 72 5.04 -0.21 16.19
CA VAL B 72 3.68 -0.59 16.56
C VAL B 72 3.38 -0.09 17.98
N ASP B 73 2.11 0.11 18.23
CA ASP B 73 1.57 0.37 19.56
C ASP B 73 0.55 -0.73 19.85
N LYS B 74 1.00 -1.77 20.56
CA LYS B 74 0.15 -2.94 20.80
C LYS B 74 -1.10 -2.61 21.60
N SER B 75 -1.02 -1.69 22.56
CA SER B 75 -2.17 -1.39 23.39
C SER B 75 -3.36 -0.85 22.59
N SER B 76 -3.10 -0.24 21.43
CA SER B 76 -4.15 0.33 20.60
C SER B 76 -4.27 -0.40 19.26
N ASN B 77 -3.63 -1.57 19.12
CA ASN B 77 -3.68 -2.36 17.91
C ASN B 77 -3.32 -1.54 16.67
N THR B 78 -2.28 -0.71 16.79
CA THR B 78 -1.98 0.25 15.73
C THR B 78 -0.57 0.01 15.21
N ALA B 79 -0.43 -0.01 13.90
CA ALA B 79 0.87 0.08 13.28
C ALA B 79 1.05 1.51 12.80
N ASN B 80 2.27 2.02 12.95
CA ASN B 80 2.57 3.38 12.53
C ASN B 80 3.74 3.38 11.57
N MET B 81 3.73 4.32 10.66
CA MET B 81 4.85 4.57 9.76
C MET B 81 5.19 6.04 9.80
N HIS B 82 6.45 6.34 10.16
CA HIS B 82 6.96 7.69 10.26
C HIS B 82 7.74 7.96 8.99
N LEU B 83 7.38 9.02 8.29
CA LEU B 83 8.15 9.44 7.13
C LEU B 83 8.92 10.70 7.53
N ASN B 84 10.22 10.73 7.29
CA ASN B 84 10.99 11.89 7.72
C ASN B 84 11.59 12.62 6.52
N SER B 85 12.03 13.87 6.79
CA SER B 85 12.77 14.68 5.82
C SER B 85 12.00 14.83 4.50
N LEU B 86 10.72 15.19 4.59
CA LEU B 86 9.82 15.01 3.46
C LEU B 86 10.11 15.95 2.29
N THR B 87 9.96 15.42 1.09
CA THR B 87 10.11 16.17 -0.14
C THR B 87 8.85 15.99 -0.97
N SER B 88 8.76 16.80 -2.04
CA SER B 88 7.69 16.69 -3.02
C SER B 88 7.52 15.25 -3.52
N GLU B 89 8.62 14.53 -3.70
CA GLU B 89 8.56 13.16 -4.21
C GLU B 89 7.96 12.17 -3.20
N ASP B 90 7.73 12.58 -1.94
CA ASP B 90 7.07 11.78 -0.92
C ASP B 90 5.57 11.98 -0.90
N SER B 91 5.06 12.88 -1.73
CA SER B 91 3.62 13.06 -1.80
C SER B 91 3.03 11.84 -2.50
N ALA B 92 2.17 11.12 -1.80
CA ALA B 92 1.70 9.84 -2.30
C ALA B 92 0.58 9.38 -1.39
N VAL B 93 -0.03 8.26 -1.78
CA VAL B 93 -0.91 7.54 -0.89
C VAL B 93 -0.11 6.40 -0.27
N TYR B 94 -0.20 6.27 1.03
CA TYR B 94 0.49 5.21 1.77
C TYR B 94 -0.55 4.24 2.29
N TYR B 95 -0.32 2.94 2.06
CA TYR B 95 -1.24 1.90 2.50
C TYR B 95 -0.56 0.99 3.53
N CYS B 96 -1.32 0.56 4.52
CA CYS B 96 -0.98 -0.63 5.31
C CYS B 96 -1.80 -1.80 4.78
N ALA B 97 -1.23 -3.00 4.92
CA ALA B 97 -1.92 -4.20 4.45
C ALA B 97 -1.41 -5.40 5.25
N ARG B 98 -2.33 -6.27 5.59
CA ARG B 98 -1.99 -7.43 6.39
C ARG B 98 -1.30 -8.49 5.51
N MET B 99 -0.22 -9.07 6.04
CA MET B 99 0.42 -10.24 5.44
C MET B 99 -0.27 -11.53 5.87
N ASN B 100 -0.62 -12.38 4.90
CA ASN B 100 -1.24 -13.66 5.22
C ASN B 100 -0.25 -14.79 4.94
N TYR B 101 0.21 -15.48 6.01
CA TYR B 101 1.18 -16.56 5.81
C TYR B 101 0.63 -17.66 4.93
N GLY B 102 -0.59 -18.12 5.22
CA GLY B 102 -1.14 -19.29 4.52
C GLY B 102 -1.36 -19.01 3.05
N SER B 103 -1.64 -17.76 2.71
CA SER B 103 -1.85 -17.35 1.33
C SER B 103 -0.57 -16.90 0.66
N GLY B 104 0.56 -17.51 0.99
CA GLY B 104 1.80 -17.18 0.28
C GLY B 104 2.29 -15.77 0.52
N TYR B 105 2.04 -15.25 1.73
CA TYR B 105 2.44 -13.90 2.15
C TYR B 105 1.72 -12.81 1.33
N ALA B 106 0.58 -13.12 0.69
CA ALA B 106 -0.23 -12.12 0.01
C ALA B 106 -0.72 -11.04 1.00
N MET B 107 -1.03 -9.86 0.43
CA MET B 107 -1.62 -8.71 1.14
C MET B 107 -3.14 -8.85 1.08
N ASP B 108 -3.73 -9.49 2.10
CA ASP B 108 -5.12 -9.89 1.95
C ASP B 108 -6.17 -8.91 2.47
N TYR B 109 -5.80 -7.97 3.34
CA TYR B 109 -6.67 -6.89 3.82
C TYR B 109 -5.88 -5.61 3.78
N TRP B 110 -6.48 -4.53 3.23
CA TRP B 110 -5.78 -3.26 3.07
C TRP B 110 -6.47 -2.16 3.85
N GLY B 111 -5.70 -1.26 4.43
CA GLY B 111 -6.27 0.00 4.87
C GLY B 111 -6.76 0.84 3.68
N GLN B 112 -7.45 1.93 3.98
CA GLN B 112 -8.03 2.78 2.89
C GLN B 112 -7.07 3.75 2.27
N GLY B 113 -5.85 3.85 2.80
CA GLY B 113 -4.81 4.72 2.24
C GLY B 113 -4.81 6.05 2.97
N THR B 114 -3.63 6.62 3.14
CA THR B 114 -3.47 7.95 3.69
C THR B 114 -2.75 8.79 2.65
N SER B 115 -3.42 9.84 2.19
CA SER B 115 -2.84 10.74 1.19
C SER B 115 -2.00 11.79 1.89
N VAL B 116 -0.69 11.83 1.58
CA VAL B 116 0.22 12.80 2.15
C VAL B 116 0.53 13.79 1.04
N THR B 117 0.34 15.09 1.31
CA THR B 117 0.72 16.19 0.44
C THR B 117 1.87 16.95 1.09
N VAL B 118 3.02 16.94 0.45
CA VAL B 118 4.18 17.71 0.91
C VAL B 118 4.22 19.06 0.19
N SER B 119 3.99 20.18 0.92
CA SER B 119 3.87 21.48 0.26
C SER B 119 3.98 22.61 1.27
N SER B 120 4.52 23.76 0.80
CA SER B 120 4.58 25.05 1.51
C SER B 120 3.30 25.88 1.40
N ALA B 121 2.35 25.51 0.53
CA ALA B 121 1.16 26.31 0.30
C ALA B 121 0.23 26.34 1.53
N LYS B 122 -0.42 27.48 1.72
CA LYS B 122 -1.28 27.66 2.89
C LYS B 122 -2.67 27.07 2.66
N THR B 123 -3.23 26.54 3.75
CA THR B 123 -4.61 26.09 3.78
C THR B 123 -5.55 27.26 3.53
N THR B 124 -6.51 27.04 2.62
CA THR B 124 -7.41 28.08 2.11
C THR B 124 -8.76 27.43 1.89
N PRO B 125 -9.84 28.01 2.42
CA PRO B 125 -11.15 27.41 2.19
C PRO B 125 -11.60 27.65 0.77
N PRO B 126 -12.50 26.82 0.25
CA PRO B 126 -13.03 27.10 -1.09
C PRO B 126 -14.05 28.21 -1.11
N SER B 127 -14.15 28.85 -2.26
CA SER B 127 -15.32 29.66 -2.63
C SER B 127 -16.25 28.72 -3.37
N VAL B 128 -17.54 28.74 -3.03
CA VAL B 128 -18.49 27.81 -3.62
C VAL B 128 -19.55 28.62 -4.41
N TYR B 129 -19.67 28.30 -5.68
CA TYR B 129 -20.46 29.08 -6.59
C TYR B 129 -21.54 28.21 -7.20
N PRO B 130 -22.77 28.69 -7.27
CA PRO B 130 -23.83 27.90 -7.90
C PRO B 130 -23.68 27.90 -9.41
N LEU B 131 -24.01 26.75 -10.04
CA LEU B 131 -24.06 26.65 -11.50
C LEU B 131 -25.52 26.40 -11.86
N ALA B 132 -26.21 27.44 -12.32
CA ALA B 132 -27.65 27.42 -12.49
C ALA B 132 -28.02 27.30 -13.96
N PRO B 133 -28.96 26.41 -14.35
CA PRO B 133 -29.37 26.15 -15.75
C PRO B 133 -30.07 27.34 -16.40
N GLN B 138 -36.35 23.41 -17.97
CA GLN B 138 -36.34 24.06 -19.29
C GLN B 138 -37.10 23.25 -20.31
N THR B 139 -36.57 23.21 -21.54
CA THR B 139 -37.19 22.44 -22.62
C THR B 139 -37.15 20.93 -22.36
N ASN B 140 -36.10 20.43 -21.68
CA ASN B 140 -35.80 19.01 -21.53
C ASN B 140 -36.52 18.38 -20.34
N SER B 141 -36.49 17.04 -20.26
CA SER B 141 -37.11 16.31 -19.17
C SER B 141 -36.19 16.17 -17.96
N MET B 142 -34.88 16.11 -18.17
CA MET B 142 -33.91 16.17 -17.09
C MET B 142 -33.18 17.51 -17.17
N VAL B 143 -32.80 18.04 -16.02
CA VAL B 143 -32.07 19.30 -15.94
C VAL B 143 -30.82 19.07 -15.10
N THR B 144 -29.68 19.59 -15.55
CA THR B 144 -28.40 19.44 -14.87
C THR B 144 -28.02 20.73 -14.17
N LEU B 145 -27.64 20.61 -12.90
CA LEU B 145 -27.27 21.73 -12.06
C LEU B 145 -25.87 21.49 -11.56
N GLY B 146 -25.26 22.51 -10.98
CA GLY B 146 -23.92 22.24 -10.50
C GLY B 146 -23.42 23.21 -9.45
N CYS B 147 -22.20 22.93 -8.99
CA CYS B 147 -21.54 23.75 -7.97
C CYS B 147 -20.08 23.78 -8.34
N LEU B 148 -19.53 24.98 -8.44
CA LEU B 148 -18.13 25.18 -8.68
C LEU B 148 -17.41 25.45 -7.34
N VAL B 149 -16.37 24.67 -7.06
CA VAL B 149 -15.68 24.69 -5.75
C VAL B 149 -14.26 25.15 -6.07
N LYS B 150 -13.97 26.42 -5.81
CA LYS B 150 -12.81 27.06 -6.41
C LYS B 150 -11.83 27.59 -5.35
N GLY B 151 -10.55 27.42 -5.62
CA GLY B 151 -9.54 28.14 -4.85
C GLY B 151 -9.25 27.64 -3.44
N TYR B 152 -9.23 26.33 -3.24
CA TYR B 152 -9.01 25.72 -1.93
C TYR B 152 -7.71 24.92 -1.90
N PHE B 153 -7.28 24.64 -0.67
CA PHE B 153 -6.03 23.92 -0.45
C PHE B 153 -5.96 23.48 1.00
N PRO B 154 -5.52 22.25 1.29
CA PRO B 154 -5.20 21.14 0.40
C PRO B 154 -6.47 20.37 0.06
N GLU B 155 -6.33 19.26 -0.64
CA GLU B 155 -7.41 18.31 -0.79
C GLU B 155 -7.63 17.62 0.57
N PRO B 156 -8.83 17.04 0.80
CA PRO B 156 -9.98 17.00 -0.11
C PRO B 156 -11.13 17.91 0.30
N VAL B 157 -12.14 18.03 -0.55
CA VAL B 157 -13.43 18.57 -0.13
C VAL B 157 -14.44 17.43 -0.22
N THR B 158 -15.58 17.61 0.45
CA THR B 158 -16.67 16.64 0.33
C THR B 158 -17.91 17.36 -0.14
N VAL B 159 -18.43 17.00 -1.33
CA VAL B 159 -19.59 17.65 -1.92
C VAL B 159 -20.79 16.73 -1.76
N THR B 160 -21.86 17.24 -1.17
CA THR B 160 -23.13 16.52 -1.21
C THR B 160 -24.19 17.42 -1.81
N TRP B 161 -25.35 16.82 -2.09
CA TRP B 161 -26.49 17.53 -2.63
C TRP B 161 -27.69 17.28 -1.73
N ASN B 162 -28.37 18.34 -1.33
CA ASN B 162 -29.51 18.25 -0.42
C ASN B 162 -29.14 17.42 0.83
N SER B 163 -27.97 17.76 1.39
CA SER B 163 -27.46 17.12 2.61
C SER B 163 -27.35 15.61 2.47
N GLY B 164 -27.12 15.13 1.24
CA GLY B 164 -26.95 13.72 0.99
C GLY B 164 -28.20 13.01 0.55
N SER B 165 -29.35 13.68 0.55
CA SER B 165 -30.57 12.99 0.10
C SER B 165 -30.70 12.96 -1.41
N LEU B 166 -29.85 13.71 -2.14
CA LEU B 166 -29.73 13.62 -3.59
C LEU B 166 -28.40 12.94 -3.85
N SER B 167 -28.42 11.66 -4.17
CA SER B 167 -27.19 10.91 -4.36
C SER B 167 -27.08 10.30 -5.75
N SER B 168 -28.20 10.14 -6.42
CA SER B 168 -28.26 9.57 -7.73
C SER B 168 -28.01 10.69 -8.74
N GLY B 169 -27.35 10.35 -9.86
CA GLY B 169 -27.20 11.34 -10.92
C GLY B 169 -26.16 12.40 -10.66
N VAL B 170 -25.22 12.15 -9.76
CA VAL B 170 -24.19 13.12 -9.40
C VAL B 170 -22.88 12.75 -10.07
N HIS B 171 -22.15 13.74 -10.58
CA HIS B 171 -20.76 13.57 -10.95
C HIS B 171 -19.94 14.63 -10.22
N THR B 172 -18.98 14.23 -9.40
CA THR B 172 -18.02 15.15 -8.82
C THR B 172 -16.68 14.91 -9.50
N PHE B 173 -16.14 15.95 -10.11
CA PHE B 173 -14.98 15.75 -10.95
C PHE B 173 -13.74 15.84 -10.12
N PRO B 174 -12.68 15.18 -10.57
CA PRO B 174 -11.41 15.28 -9.84
C PRO B 174 -10.88 16.72 -9.85
N ALA B 175 -10.30 17.10 -8.72
CA ALA B 175 -9.76 18.45 -8.57
C ALA B 175 -8.53 18.60 -9.46
N VAL B 176 -8.29 19.82 -9.88
CA VAL B 176 -7.12 20.18 -10.66
C VAL B 176 -6.39 21.29 -9.89
N LEU B 177 -5.08 21.16 -9.77
CA LEU B 177 -4.28 22.12 -9.05
C LEU B 177 -3.77 23.19 -10.01
N GLN B 178 -3.85 24.46 -9.57
CA GLN B 178 -3.34 25.58 -10.34
C GLN B 178 -2.85 26.65 -9.37
N SER B 179 -1.59 27.05 -9.50
CA SER B 179 -1.04 28.11 -8.65
C SER B 179 -1.37 27.87 -7.18
N ASP B 180 -1.16 26.62 -6.74
CA ASP B 180 -1.27 26.23 -5.34
C ASP B 180 -2.71 26.24 -4.87
N LEU B 181 -3.68 26.31 -5.78
CA LEU B 181 -5.07 26.17 -5.41
C LEU B 181 -5.75 25.12 -6.27
N TYR B 182 -6.63 24.35 -5.63
CA TYR B 182 -7.43 23.36 -6.33
C TYR B 182 -8.78 23.93 -6.71
N THR B 183 -9.33 23.41 -7.79
CA THR B 183 -10.69 23.73 -8.19
C THR B 183 -11.35 22.44 -8.64
N LEU B 184 -12.62 22.26 -8.27
CA LEU B 184 -13.37 21.15 -8.82
C LEU B 184 -14.80 21.57 -8.96
N SER B 185 -15.57 20.74 -9.69
CA SER B 185 -16.97 21.02 -9.89
C SER B 185 -17.72 19.73 -9.63
N SER B 186 -19.02 19.87 -9.37
CA SER B 186 -19.89 18.74 -9.17
C SER B 186 -21.17 19.02 -9.93
N SER B 187 -21.70 18.01 -10.65
CA SER B 187 -22.99 18.19 -11.34
C SER B 187 -24.00 17.20 -10.80
N VAL B 188 -25.26 17.60 -10.81
CA VAL B 188 -26.36 16.70 -10.44
C VAL B 188 -27.45 16.87 -11.48
N THR B 189 -28.09 15.76 -11.85
CA THR B 189 -29.13 15.79 -12.86
C THR B 189 -30.39 15.26 -12.22
N VAL B 190 -31.47 16.03 -12.30
CA VAL B 190 -32.74 15.69 -11.65
C VAL B 190 -33.85 15.87 -12.67
N PRO B 191 -35.02 15.28 -12.41
CA PRO B 191 -36.18 15.51 -13.28
C PRO B 191 -36.54 16.98 -13.30
N SER B 192 -36.91 17.49 -14.48
CA SER B 192 -37.28 18.90 -14.52
C SER B 192 -38.51 19.18 -13.63
N SER B 193 -39.27 18.14 -13.28
CA SER B 193 -40.43 18.21 -12.39
C SER B 193 -40.05 18.36 -10.91
N THR B 194 -38.77 18.23 -10.57
CA THR B 194 -38.36 18.37 -9.18
C THR B 194 -37.60 19.68 -8.90
N TRP B 195 -37.25 20.44 -9.94
CA TRP B 195 -36.52 21.73 -9.84
C TRP B 195 -36.96 22.57 -11.03
N PRO B 196 -37.32 23.86 -10.83
CA PRO B 196 -37.13 24.58 -9.57
C PRO B 196 -38.26 24.37 -8.52
N SER B 197 -39.29 23.56 -8.84
CA SER B 197 -40.41 23.41 -7.92
C SER B 197 -39.95 23.03 -6.50
N GLU B 198 -38.93 22.18 -6.40
CA GLU B 198 -38.35 21.78 -5.13
C GLU B 198 -36.88 22.21 -5.11
N THR B 199 -36.35 22.42 -3.91
CA THR B 199 -35.05 23.09 -3.84
C THR B 199 -33.93 22.09 -4.06
N VAL B 200 -32.80 22.59 -4.57
CA VAL B 200 -31.59 21.78 -4.77
C VAL B 200 -30.43 22.62 -4.27
N THR B 201 -29.64 22.07 -3.35
CA THR B 201 -28.61 22.80 -2.62
C THR B 201 -27.36 21.94 -2.63
N CYS B 202 -26.19 22.49 -3.01
CA CYS B 202 -24.98 21.72 -2.73
C CYS B 202 -24.37 22.12 -1.40
N ASN B 203 -23.74 21.14 -0.74
CA ASN B 203 -23.08 21.35 0.53
C ASN B 203 -21.63 20.94 0.35
N VAL B 204 -20.70 21.81 0.69
CA VAL B 204 -19.28 21.61 0.44
C VAL B 204 -18.53 21.72 1.76
N ALA B 205 -17.99 20.59 2.23
CA ALA B 205 -17.18 20.50 3.45
C ALA B 205 -15.71 20.53 3.06
N HIS B 206 -14.92 21.35 3.75
CA HIS B 206 -13.47 21.38 3.59
C HIS B 206 -12.84 21.21 4.98
N PRO B 207 -12.55 19.96 5.40
CA PRO B 207 -12.09 19.72 6.77
C PRO B 207 -10.84 20.49 7.15
N ALA B 208 -9.89 20.61 6.23
CA ALA B 208 -8.61 21.26 6.55
C ALA B 208 -8.78 22.72 6.97
N SER B 209 -9.86 23.39 6.54
CA SER B 209 -10.14 24.78 6.93
C SER B 209 -11.32 24.90 7.88
N SER B 210 -11.90 23.77 8.29
CA SER B 210 -12.95 23.72 9.32
C SER B 210 -14.17 24.51 8.84
N THR B 211 -14.53 24.28 7.59
CA THR B 211 -15.65 24.98 6.95
C THR B 211 -16.60 24.00 6.30
N LYS B 212 -17.86 24.41 6.19
CA LYS B 212 -18.83 23.65 5.44
C LYS B 212 -19.92 24.61 5.02
N VAL B 213 -20.13 24.77 3.72
CA VAL B 213 -21.04 25.81 3.26
C VAL B 213 -22.08 25.22 2.32
N ASP B 214 -23.19 25.96 2.21
CA ASP B 214 -24.33 25.57 1.37
C ASP B 214 -24.54 26.59 0.26
N LYS B 215 -24.93 26.11 -0.93
CA LYS B 215 -25.33 27.04 -1.98
C LYS B 215 -26.58 26.51 -2.65
N LYS B 216 -27.69 27.23 -2.51
CA LYS B 216 -28.91 26.84 -3.17
C LYS B 216 -28.83 27.28 -4.63
N ILE B 217 -29.28 26.41 -5.53
CA ILE B 217 -29.25 26.72 -6.95
C ILE B 217 -30.59 27.34 -7.30
N VAL B 218 -30.57 28.58 -7.82
CA VAL B 218 -31.78 29.30 -8.23
C VAL B 218 -31.71 29.59 -9.73
N PRO B 219 -32.85 29.60 -10.42
CA PRO B 219 -32.83 29.74 -11.89
C PRO B 219 -32.19 31.04 -12.40
N ARG B 220 -31.43 30.91 -13.49
CA ARG B 220 -30.83 32.04 -14.18
C ARG B 220 -31.82 32.62 -15.19
N ASP B 221 -31.60 33.88 -15.56
CA ASP B 221 -32.56 34.63 -16.38
C ASP B 221 -32.18 34.59 -17.87
N ASN C 1 16.46 -8.27 -7.62
CA ASN C 1 15.11 -7.74 -7.73
C ASN C 1 14.42 -8.45 -8.87
N ILE C 2 13.24 -9.00 -8.61
CA ILE C 2 12.48 -9.63 -9.68
C ILE C 2 11.59 -8.57 -10.32
N VAL C 3 11.80 -8.32 -11.60
CA VAL C 3 11.02 -7.31 -12.28
C VAL C 3 9.83 -7.98 -12.93
N LEU C 4 8.64 -7.44 -12.65
CA LEU C 4 7.39 -7.93 -13.23
C LEU C 4 6.93 -6.97 -14.32
N THR C 5 6.71 -7.52 -15.51
CA THR C 5 6.32 -6.75 -16.69
C THR C 5 4.92 -7.23 -17.08
N GLN C 6 3.91 -6.35 -16.94
CA GLN C 6 2.54 -6.71 -17.32
C GLN C 6 2.28 -6.34 -18.78
N SER C 7 1.45 -7.18 -19.42
CA SER C 7 1.07 -6.96 -20.84
C SER C 7 -0.41 -7.30 -20.95
N PRO C 8 -1.20 -6.44 -21.60
CA PRO C 8 -0.87 -5.11 -22.15
C PRO C 8 -0.94 -4.11 -21.00
N ALA C 9 -0.45 -2.89 -21.21
CA ALA C 9 -0.59 -1.83 -20.22
C ALA C 9 -2.04 -1.38 -20.11
N SER C 10 -2.80 -1.44 -21.21
CA SER C 10 -4.22 -1.11 -21.13
C SER C 10 -4.97 -2.02 -22.11
N LEU C 11 -6.20 -2.36 -21.77
CA LEU C 11 -7.01 -3.01 -22.81
C LEU C 11 -8.47 -2.64 -22.61
N ALA C 12 -9.23 -2.71 -23.70
CA ALA C 12 -10.66 -2.43 -23.66
C ALA C 12 -11.36 -3.71 -24.07
N VAL C 13 -12.28 -4.18 -23.22
CA VAL C 13 -12.98 -5.42 -23.45
C VAL C 13 -14.49 -5.17 -23.29
N SER C 14 -15.30 -5.75 -24.16
CA SER C 14 -16.74 -5.56 -24.04
C SER C 14 -17.36 -6.46 -22.99
N LEU C 15 -18.56 -6.09 -22.55
CA LEU C 15 -19.24 -6.93 -21.59
C LEU C 15 -19.44 -8.29 -22.22
N GLY C 16 -19.20 -9.32 -21.43
CA GLY C 16 -19.40 -10.69 -21.87
C GLY C 16 -18.22 -11.31 -22.54
N GLN C 17 -17.20 -10.51 -22.90
CA GLN C 17 -15.96 -11.01 -23.47
C GLN C 17 -14.98 -11.45 -22.40
N ARG C 18 -13.88 -12.03 -22.85
CA ARG C 18 -12.81 -12.50 -21.96
C ARG C 18 -11.67 -11.50 -21.96
N ALA C 19 -11.18 -11.12 -20.77
CA ALA C 19 -9.97 -10.30 -20.61
C ALA C 19 -8.82 -11.18 -20.14
N THR C 20 -7.65 -11.04 -20.77
CA THR C 20 -6.47 -11.83 -20.40
C THR C 20 -5.34 -10.86 -20.14
N ILE C 21 -4.75 -10.92 -18.94
CA ILE C 21 -3.66 -10.03 -18.52
C ILE C 21 -2.46 -10.89 -18.17
N SER C 22 -1.29 -10.58 -18.71
CA SER C 22 -0.12 -11.42 -18.52
C SER C 22 0.88 -10.72 -17.62
N CYS C 23 1.58 -11.51 -16.82
CA CYS C 23 2.67 -11.05 -15.95
C CYS C 23 3.89 -11.90 -16.26
N ARG C 24 4.95 -11.28 -16.77
CA ARG C 24 6.19 -11.96 -17.12
C ARG C 24 7.23 -11.49 -16.09
N ALA C 25 7.85 -12.44 -15.40
CA ALA C 25 8.85 -12.14 -14.39
C ALA C 25 10.24 -12.31 -14.97
N SER C 26 11.20 -11.51 -14.45
CA SER C 26 12.54 -11.55 -14.99
C SER C 26 13.29 -12.79 -14.53
N GLU C 27 12.78 -13.45 -13.51
CA GLU C 27 13.33 -14.74 -13.11
C GLU C 27 12.21 -15.46 -12.37
N SER C 28 12.42 -16.76 -12.13
CA SER C 28 11.36 -17.57 -11.54
C SER C 28 10.85 -17.02 -10.21
N VAL C 29 9.53 -17.03 -10.02
CA VAL C 29 8.96 -16.70 -8.73
C VAL C 29 8.53 -17.95 -7.97
N ASP C 30 9.01 -19.13 -8.37
CA ASP C 30 8.64 -20.39 -7.73
C ASP C 30 9.71 -20.79 -6.72
N SER C 31 9.27 -21.35 -5.60
CA SER C 31 10.15 -22.08 -4.69
C SER C 31 9.29 -22.93 -3.75
N TYR C 32 9.87 -24.02 -3.27
CA TYR C 32 9.21 -24.93 -2.32
C TYR C 32 7.85 -25.40 -2.85
N GLY C 33 7.77 -25.62 -4.17
CA GLY C 33 6.53 -26.05 -4.82
C GLY C 33 5.43 -25.03 -4.85
N ASN C 34 5.73 -23.77 -4.58
CA ASN C 34 4.79 -22.67 -4.63
C ASN C 34 5.18 -21.68 -5.72
N SER C 35 4.16 -21.07 -6.34
CA SER C 35 4.38 -19.87 -7.18
C SER C 35 4.00 -18.66 -6.35
N PHE C 36 5.00 -17.85 -5.99
CA PHE C 36 4.69 -16.70 -5.12
C PHE C 36 4.31 -15.49 -5.99
N MET C 37 3.17 -15.61 -6.67
CA MET C 37 2.59 -14.58 -7.55
C MET C 37 1.16 -14.34 -7.11
N HIS C 38 0.79 -13.08 -6.87
CA HIS C 38 -0.58 -12.74 -6.51
C HIS C 38 -1.13 -11.66 -7.43
N TRP C 39 -2.46 -11.52 -7.45
CA TRP C 39 -3.10 -10.51 -8.30
C TRP C 39 -4.11 -9.70 -7.50
N TYR C 40 -4.13 -8.39 -7.79
CA TYR C 40 -4.97 -7.41 -7.11
C TYR C 40 -5.75 -6.60 -8.12
N GLN C 41 -6.94 -6.15 -7.72
CA GLN C 41 -7.78 -5.22 -8.44
C GLN C 41 -7.79 -3.92 -7.68
N GLN C 42 -7.55 -2.80 -8.36
CA GLN C 42 -7.67 -1.47 -7.72
C GLN C 42 -8.58 -0.58 -8.52
N LYS C 43 -9.71 -0.27 -7.93
CA LYS C 43 -10.54 0.73 -8.51
C LYS C 43 -10.03 2.13 -8.14
N PRO C 44 -10.29 3.12 -8.99
CA PRO C 44 -9.79 4.47 -8.74
C PRO C 44 -10.23 4.97 -7.38
N GLY C 45 -9.26 5.50 -6.61
CA GLY C 45 -9.53 6.06 -5.28
C GLY C 45 -9.71 5.05 -4.16
N GLN C 46 -9.56 3.77 -4.44
CA GLN C 46 -9.74 2.69 -3.48
C GLN C 46 -8.42 1.97 -3.25
N PRO C 47 -8.28 1.22 -2.15
CA PRO C 47 -7.15 0.34 -2.02
C PRO C 47 -7.24 -0.84 -2.97
N PRO C 48 -6.11 -1.44 -3.30
CA PRO C 48 -6.13 -2.72 -4.01
C PRO C 48 -6.91 -3.73 -3.17
N LYS C 49 -7.46 -4.70 -3.88
CA LYS C 49 -8.15 -5.85 -3.27
C LYS C 49 -7.52 -7.12 -3.82
N LEU C 50 -7.19 -8.08 -2.94
CA LEU C 50 -6.64 -9.36 -3.39
C LEU C 50 -7.67 -10.16 -4.17
N LEU C 51 -7.30 -10.61 -5.37
CA LEU C 51 -8.12 -11.49 -6.21
C LEU C 51 -7.66 -12.94 -6.14
N ILE C 52 -6.37 -13.14 -6.39
CA ILE C 52 -5.81 -14.47 -6.59
C ILE C 52 -4.52 -14.53 -5.78
N PHE C 53 -4.32 -15.59 -5.03
CA PHE C 53 -3.05 -15.74 -4.38
C PHE C 53 -2.36 -17.03 -4.77
N LEU C 54 -1.01 -17.04 -4.67
CA LEU C 54 -0.25 -18.22 -5.01
C LEU C 54 -0.63 -18.73 -6.41
N ALA C 55 -0.67 -17.80 -7.34
CA ALA C 55 -0.86 -17.90 -8.80
C ALA C 55 -2.26 -18.34 -9.20
N SER C 56 -2.86 -19.31 -8.49
CA SER C 56 -4.12 -19.88 -9.02
C SER C 56 -5.27 -19.95 -8.00
N ASN C 57 -5.07 -19.50 -6.74
CA ASN C 57 -6.09 -19.67 -5.70
C ASN C 57 -6.99 -18.46 -5.67
N LEU C 58 -8.31 -18.70 -5.84
CA LEU C 58 -9.27 -17.61 -5.80
C LEU C 58 -9.51 -17.18 -4.37
N GLU C 59 -9.33 -15.88 -4.08
CA GLU C 59 -9.53 -15.39 -2.71
C GLU C 59 -11.00 -15.49 -2.36
N SER C 60 -11.30 -15.92 -1.13
CA SER C 60 -12.69 -16.12 -0.71
C SER C 60 -13.47 -14.82 -0.87
N GLY C 61 -14.68 -14.95 -1.41
CA GLY C 61 -15.52 -13.80 -1.70
C GLY C 61 -15.35 -13.20 -3.07
N VAL C 62 -14.29 -13.52 -3.79
CA VAL C 62 -14.06 -13.03 -5.17
C VAL C 62 -14.87 -13.89 -6.13
N PRO C 63 -15.59 -13.29 -7.08
CA PRO C 63 -16.36 -14.06 -8.07
C PRO C 63 -15.49 -15.03 -8.84
N PRO C 64 -15.98 -16.19 -9.18
CA PRO C 64 -15.18 -17.15 -9.96
C PRO C 64 -15.02 -16.75 -11.43
N ARG C 65 -15.51 -15.57 -11.84
CA ARG C 65 -15.15 -15.03 -13.15
C ARG C 65 -13.65 -14.74 -13.23
N PHE C 66 -12.98 -14.62 -12.10
CA PHE C 66 -11.54 -14.37 -12.05
C PHE C 66 -10.81 -15.71 -11.89
N SER C 67 -9.72 -15.91 -12.63
CA SER C 67 -8.88 -17.09 -12.43
C SER C 67 -7.44 -16.71 -12.75
N GLY C 68 -6.51 -17.46 -12.16
CA GLY C 68 -5.10 -17.24 -12.38
C GLY C 68 -4.43 -18.55 -12.79
N SER C 69 -3.45 -18.43 -13.68
CA SER C 69 -2.69 -19.62 -14.08
C SER C 69 -1.25 -19.22 -14.29
N GLY C 70 -0.42 -20.24 -14.54
CA GLY C 70 0.96 -20.00 -14.91
C GLY C 70 1.90 -20.51 -13.85
N SER C 71 3.19 -20.33 -14.12
CA SER C 71 4.25 -20.85 -13.25
C SER C 71 5.57 -20.27 -13.73
N ARG C 72 6.59 -20.43 -12.88
CA ARG C 72 7.96 -19.98 -13.14
C ARG C 72 8.02 -18.50 -13.45
N THR C 73 8.03 -18.09 -14.73
CA THR C 73 8.15 -16.66 -15.07
C THR C 73 6.97 -16.10 -15.89
N ASP C 74 5.89 -16.85 -16.07
CA ASP C 74 4.84 -16.44 -17.00
C ASP C 74 3.49 -16.75 -16.37
N PHE C 75 2.69 -15.71 -16.07
CA PHE C 75 1.44 -15.85 -15.32
C PHE C 75 0.33 -15.10 -16.01
N THR C 76 -0.91 -15.56 -15.80
CA THR C 76 -2.02 -14.94 -16.51
C THR C 76 -3.17 -14.79 -15.53
N LEU C 77 -3.78 -13.62 -15.51
CA LEU C 77 -5.07 -13.38 -14.89
C LEU C 77 -6.13 -13.33 -16.00
N THR C 78 -7.18 -14.15 -15.87
CA THR C 78 -8.28 -14.20 -16.81
C THR C 78 -9.55 -13.69 -16.13
N ILE C 79 -10.28 -12.78 -16.79
CA ILE C 79 -11.60 -12.35 -16.35
C ILE C 79 -12.61 -12.77 -17.41
N ASP C 80 -13.52 -13.68 -17.04
CA ASP C 80 -14.46 -14.17 -18.03
C ASP C 80 -15.73 -14.64 -17.33
N PRO C 81 -16.90 -14.02 -17.61
CA PRO C 81 -17.16 -12.88 -18.50
C PRO C 81 -16.83 -11.55 -17.87
N VAL C 82 -16.34 -10.60 -18.66
CA VAL C 82 -16.15 -9.24 -18.16
C VAL C 82 -17.49 -8.60 -17.85
N GLU C 83 -17.54 -7.87 -16.72
CA GLU C 83 -18.73 -7.16 -16.27
C GLU C 83 -18.35 -5.71 -15.95
N ALA C 84 -19.36 -4.82 -15.91
CA ALA C 84 -19.05 -3.38 -15.80
C ALA C 84 -18.18 -3.08 -14.57
N ASP C 85 -18.43 -3.82 -13.47
CA ASP C 85 -17.71 -3.57 -12.22
C ASP C 85 -16.24 -3.92 -12.33
N ASP C 86 -15.82 -4.53 -13.42
CA ASP C 86 -14.42 -4.86 -13.53
C ASP C 86 -13.55 -3.71 -13.98
N ALA C 87 -14.13 -2.54 -14.34
CA ALA C 87 -13.29 -1.40 -14.69
C ALA C 87 -12.38 -1.08 -13.51
N ALA C 88 -11.08 -1.13 -13.73
CA ALA C 88 -10.13 -1.09 -12.63
C ALA C 88 -8.74 -1.22 -13.23
N THR C 89 -7.72 -1.01 -12.42
CA THR C 89 -6.37 -1.40 -12.77
C THR C 89 -6.01 -2.67 -12.01
N TYR C 90 -5.37 -3.62 -12.70
CA TYR C 90 -4.98 -4.91 -12.13
C TYR C 90 -3.47 -4.95 -12.00
N TYR C 91 -2.98 -5.44 -10.82
CA TYR C 91 -1.56 -5.55 -10.54
C TYR C 91 -1.20 -6.99 -10.22
N CYS C 92 -0.05 -7.45 -10.70
CA CYS C 92 0.57 -8.66 -10.19
C CYS C 92 1.64 -8.26 -9.19
N GLN C 93 1.98 -9.18 -8.32
CA GLN C 93 2.93 -8.92 -7.24
C GLN C 93 3.63 -10.21 -6.89
N GLN C 94 4.94 -10.18 -6.65
CA GLN C 94 5.60 -11.41 -6.26
C GLN C 94 6.33 -11.26 -4.93
N ASN C 95 6.50 -12.40 -4.28
CA ASN C 95 7.38 -12.43 -3.06
C ASN C 95 8.08 -13.77 -2.99
N ASN C 96 8.78 -14.12 -4.08
CA ASN C 96 9.74 -15.22 -4.05
C ASN C 96 11.10 -14.78 -3.50
N GLU C 97 11.25 -13.51 -3.24
CA GLU C 97 12.40 -12.95 -2.55
C GLU C 97 11.83 -12.04 -1.48
N ASP C 98 12.66 -11.65 -0.52
CA ASP C 98 12.13 -10.72 0.49
C ASP C 98 11.72 -9.38 -0.11
N LEU C 99 12.45 -8.89 -1.12
CA LEU C 99 12.05 -7.65 -1.79
C LEU C 99 10.79 -7.88 -2.62
N ARG C 100 9.64 -7.48 -2.07
CA ARG C 100 8.39 -7.53 -2.83
C ARG C 100 8.42 -6.55 -3.99
N THR C 101 7.91 -6.98 -5.16
CA THR C 101 7.76 -6.07 -6.29
C THR C 101 6.40 -6.27 -6.93
N PHE C 102 5.89 -5.22 -7.56
CA PHE C 102 4.61 -5.23 -8.25
C PHE C 102 4.84 -4.97 -9.72
N GLY C 103 3.92 -5.47 -10.56
CA GLY C 103 3.88 -5.05 -11.96
C GLY C 103 3.45 -3.61 -12.07
N GLY C 104 3.62 -3.03 -13.27
CA GLY C 104 3.23 -1.64 -13.55
C GLY C 104 1.75 -1.37 -13.65
N GLY C 105 0.96 -2.42 -13.70
CA GLY C 105 -0.47 -2.25 -13.71
C GLY C 105 -0.99 -2.42 -15.12
N THR C 106 -2.20 -2.98 -15.21
CA THR C 106 -2.97 -3.04 -16.46
C THR C 106 -4.31 -2.39 -16.22
N LYS C 107 -4.63 -1.37 -17.02
CA LYS C 107 -5.91 -0.68 -16.93
C LYS C 107 -6.93 -1.34 -17.86
N LEU C 108 -8.05 -1.78 -17.29
CA LEU C 108 -9.09 -2.47 -18.03
C LEU C 108 -10.21 -1.47 -18.21
N GLU C 109 -10.46 -1.10 -19.47
CA GLU C 109 -11.55 -0.24 -19.86
C GLU C 109 -12.66 -1.14 -20.38
N ILE C 110 -13.88 -0.87 -19.95
CA ILE C 110 -15.03 -1.65 -20.39
C ILE C 110 -15.55 -1.03 -21.68
N LYS C 111 -15.62 -1.84 -22.75
CA LYS C 111 -16.13 -1.32 -24.04
C LYS C 111 -17.65 -1.44 -24.01
N ARG C 112 -18.35 -0.34 -23.98
CA ARG C 112 -19.80 -0.35 -24.21
C ARG C 112 -20.11 0.30 -25.53
N ALA C 113 -21.40 0.32 -25.87
CA ALA C 113 -21.83 1.04 -27.06
C ALA C 113 -21.57 2.55 -26.94
N ASP C 114 -21.27 3.17 -28.06
CA ASP C 114 -20.95 4.59 -28.03
C ASP C 114 -22.15 5.37 -27.51
N ALA C 115 -21.86 6.46 -26.77
CA ALA C 115 -22.93 7.30 -26.26
C ALA C 115 -22.50 8.75 -26.34
N ALA C 116 -23.37 9.59 -26.91
CA ALA C 116 -23.01 11.00 -27.05
C ALA C 116 -23.12 11.70 -25.69
N PRO C 117 -22.35 12.76 -25.46
CA PRO C 117 -22.42 13.45 -24.16
C PRO C 117 -23.68 14.28 -24.06
N THR C 118 -24.14 14.44 -22.81
CA THR C 118 -25.17 15.41 -22.46
C THR C 118 -24.46 16.69 -22.05
N VAL C 119 -24.65 17.77 -22.82
CA VAL C 119 -23.83 18.98 -22.65
C VAL C 119 -24.66 20.07 -21.97
N SER C 120 -24.06 20.75 -21.01
CA SER C 120 -24.72 21.84 -20.29
C SER C 120 -23.71 22.94 -20.08
N ILE C 121 -24.09 24.20 -20.37
CA ILE C 121 -23.21 25.36 -20.13
C ILE C 121 -23.79 26.22 -19.02
N PHE C 122 -22.91 26.88 -18.23
CA PHE C 122 -23.34 27.67 -17.07
C PHE C 122 -22.59 28.98 -17.03
N PRO C 123 -23.30 30.08 -16.82
CA PRO C 123 -22.67 31.40 -16.74
C PRO C 123 -21.97 31.58 -15.41
N PRO C 124 -21.11 32.57 -15.29
CA PRO C 124 -20.54 32.88 -13.97
C PRO C 124 -21.67 33.23 -13.02
N SER C 125 -21.51 32.81 -11.77
CA SER C 125 -22.49 33.11 -10.75
C SER C 125 -22.40 34.59 -10.35
N SER C 126 -23.52 35.14 -9.86
CA SER C 126 -23.44 36.50 -9.35
C SER C 126 -22.46 36.60 -8.18
N GLU C 127 -22.33 35.55 -7.37
CA GLU C 127 -21.37 35.59 -6.26
C GLU C 127 -19.94 35.71 -6.77
N GLN C 128 -19.58 34.93 -7.79
CA GLN C 128 -18.21 35.01 -8.28
C GLN C 128 -17.92 36.36 -8.93
N LEU C 129 -18.87 36.86 -9.73
CA LEU C 129 -18.73 38.14 -10.38
C LEU C 129 -18.52 39.24 -9.35
N THR C 130 -19.30 39.19 -8.27
CA THR C 130 -19.12 40.12 -7.15
C THR C 130 -17.67 40.13 -6.60
N SER C 131 -16.99 38.98 -6.60
CA SER C 131 -15.61 38.88 -6.13
C SER C 131 -14.57 39.29 -7.18
N GLY C 132 -15.00 39.54 -8.42
CA GLY C 132 -14.14 40.01 -9.48
C GLY C 132 -13.75 38.94 -10.49
N GLY C 133 -14.23 37.71 -10.32
CA GLY C 133 -13.85 36.62 -11.20
C GLY C 133 -15.03 36.21 -12.07
N ALA C 134 -14.75 35.33 -13.05
CA ALA C 134 -15.79 34.90 -13.96
C ALA C 134 -15.37 33.55 -14.55
N SER C 135 -15.92 32.47 -14.00
CA SER C 135 -15.69 31.13 -14.55
C SER C 135 -16.92 30.71 -15.34
N VAL C 136 -16.72 30.23 -16.59
CA VAL C 136 -17.79 29.64 -17.41
C VAL C 136 -17.56 28.14 -17.41
N VAL C 137 -18.61 27.37 -17.14
CA VAL C 137 -18.46 25.93 -16.95
C VAL C 137 -19.31 25.19 -17.98
N CYS C 138 -18.74 24.12 -18.53
CA CYS C 138 -19.46 23.24 -19.44
C CYS C 138 -19.34 21.81 -18.91
N PHE C 139 -20.49 21.12 -18.67
CA PHE C 139 -20.44 19.71 -18.32
C PHE C 139 -20.76 18.89 -19.55
N LEU C 140 -20.00 17.80 -19.75
CA LEU C 140 -20.19 16.88 -20.89
C LEU C 140 -20.36 15.53 -20.20
N ASN C 141 -21.57 15.10 -20.00
CA ASN C 141 -21.81 13.97 -19.09
C ASN C 141 -22.22 12.67 -19.81
N ASN C 142 -21.77 11.55 -19.22
CA ASN C 142 -22.17 10.17 -19.58
C ASN C 142 -21.98 9.84 -21.06
N PHE C 143 -20.74 9.93 -21.53
CA PHE C 143 -20.43 9.59 -22.90
C PHE C 143 -19.42 8.44 -22.96
N TYR C 144 -19.31 7.85 -24.16
CA TYR C 144 -18.38 6.77 -24.43
C TYR C 144 -18.16 6.75 -25.94
N PRO C 145 -16.91 6.62 -26.43
CA PRO C 145 -15.64 6.50 -25.71
C PRO C 145 -15.17 7.78 -25.07
N LYS C 146 -13.99 7.71 -24.40
CA LYS C 146 -13.50 8.82 -23.57
C LYS C 146 -13.00 9.99 -24.41
N ASP C 147 -12.52 9.71 -25.61
CA ASP C 147 -11.96 10.76 -26.48
C ASP C 147 -13.00 11.80 -26.83
N ILE C 148 -12.68 13.07 -26.62
CA ILE C 148 -13.65 14.13 -26.87
C ILE C 148 -12.89 15.44 -27.05
N ASN C 149 -13.49 16.35 -27.82
CA ASN C 149 -12.90 17.68 -28.02
C ASN C 149 -13.90 18.71 -27.52
N VAL C 150 -13.42 19.70 -26.75
CA VAL C 150 -14.27 20.80 -26.33
C VAL C 150 -13.63 22.06 -26.85
N LYS C 151 -14.45 22.94 -27.41
CA LYS C 151 -14.01 24.24 -27.90
C LYS C 151 -14.86 25.30 -27.25
N TRP C 152 -14.21 26.36 -26.76
CA TRP C 152 -14.89 27.52 -26.21
C TRP C 152 -14.88 28.62 -27.27
N LYS C 153 -16.04 29.25 -27.50
CA LYS C 153 -16.12 30.37 -28.43
C LYS C 153 -16.66 31.55 -27.67
N ILE C 154 -16.02 32.70 -27.85
CA ILE C 154 -16.48 33.93 -27.22
C ILE C 154 -16.77 34.89 -28.37
N ASP C 155 -18.04 35.24 -28.55
CA ASP C 155 -18.49 36.07 -29.69
C ASP C 155 -18.07 35.45 -31.02
N GLY C 156 -18.21 34.12 -31.13
CA GLY C 156 -17.77 33.38 -32.29
C GLY C 156 -16.28 33.10 -32.41
N SER C 157 -15.43 33.62 -31.52
CA SER C 157 -14.00 33.44 -31.67
C SER C 157 -13.46 32.43 -30.65
N GLU C 158 -12.60 31.53 -31.10
CA GLU C 158 -12.15 30.48 -30.22
C GLU C 158 -11.21 31.00 -29.13
N ARG C 159 -11.37 30.47 -27.92
CA ARG C 159 -10.50 30.79 -26.80
C ARG C 159 -9.83 29.53 -26.29
N GLN C 160 -8.50 29.49 -26.30
CA GLN C 160 -7.78 28.33 -25.76
C GLN C 160 -7.16 28.56 -24.39
N ASN C 161 -6.77 29.79 -24.08
CA ASN C 161 -6.10 30.07 -22.82
C ASN C 161 -7.08 30.12 -21.66
N GLY C 162 -6.67 29.55 -20.52
CA GLY C 162 -7.47 29.67 -19.33
C GLY C 162 -8.56 28.63 -19.19
N VAL C 163 -8.41 27.49 -19.85
CA VAL C 163 -9.38 26.41 -19.82
C VAL C 163 -8.78 25.26 -19.03
N LEU C 164 -9.54 24.73 -18.08
CA LEU C 164 -9.10 23.59 -17.28
C LEU C 164 -10.11 22.46 -17.51
N ASN C 165 -9.64 21.25 -17.81
CA ASN C 165 -10.55 20.14 -18.05
C ASN C 165 -10.29 19.00 -17.05
N SER C 166 -11.37 18.33 -16.64
CA SER C 166 -11.27 17.25 -15.68
C SER C 166 -12.20 16.13 -16.12
N TRP C 167 -11.71 14.89 -16.16
CA TRP C 167 -12.54 13.74 -16.51
C TRP C 167 -12.81 12.89 -15.27
N THR C 168 -14.01 12.34 -15.16
CA THR C 168 -14.20 11.24 -14.20
C THR C 168 -13.54 9.96 -14.71
N ASP C 169 -13.28 9.05 -13.76
CA ASP C 169 -12.92 7.69 -14.15
C ASP C 169 -14.14 6.99 -14.74
N GLN C 170 -13.90 5.90 -15.47
CA GLN C 170 -15.01 5.17 -16.04
C GLN C 170 -15.96 4.73 -14.96
N ASP C 171 -17.26 4.98 -15.17
CA ASP C 171 -18.25 4.61 -14.18
C ASP C 171 -18.42 3.08 -14.05
N SER C 172 -18.45 2.61 -12.80
CA SER C 172 -18.50 1.17 -12.57
C SER C 172 -19.87 0.56 -12.87
N LYS C 173 -20.91 1.38 -13.03
CA LYS C 173 -22.24 0.85 -13.33
C LYS C 173 -22.60 1.01 -14.83
N ASP C 174 -22.39 2.17 -15.43
CA ASP C 174 -22.84 2.38 -16.82
C ASP C 174 -21.67 2.49 -17.80
N SER C 175 -20.43 2.40 -17.31
CA SER C 175 -19.24 2.31 -18.18
C SER C 175 -19.07 3.56 -19.03
N THR C 176 -19.60 4.70 -18.57
CA THR C 176 -19.40 5.95 -19.29
C THR C 176 -18.39 6.82 -18.57
N TYR C 177 -18.06 7.91 -19.24
CA TYR C 177 -17.20 8.96 -18.73
C TYR C 177 -17.99 10.26 -18.66
N SER C 178 -17.50 11.20 -17.82
CA SER C 178 -18.02 12.55 -17.83
C SER C 178 -16.84 13.51 -17.76
N MET C 179 -17.07 14.75 -18.19
CA MET C 179 -15.93 15.65 -18.19
C MET C 179 -16.48 17.05 -17.85
N SER C 180 -15.67 17.88 -17.19
CA SER C 180 -16.01 19.29 -17.01
C SER C 180 -14.94 20.14 -17.69
N SER C 181 -15.36 21.24 -18.34
CA SER C 181 -14.44 22.21 -18.90
C SER C 181 -14.75 23.56 -18.27
N THR C 182 -13.76 24.22 -17.73
CA THR C 182 -13.99 25.47 -17.01
C THR C 182 -13.10 26.52 -17.65
N LEU C 183 -13.72 27.56 -18.14
CA LEU C 183 -13.04 28.74 -18.70
C LEU C 183 -13.04 29.86 -17.67
N THR C 184 -11.87 30.26 -17.21
CA THR C 184 -11.84 31.31 -16.18
C THR C 184 -11.33 32.61 -16.77
N LEU C 185 -12.09 33.67 -16.53
CA LEU C 185 -11.83 35.00 -17.01
C LEU C 185 -11.90 35.95 -15.82
N THR C 186 -11.45 37.17 -16.01
CA THR C 186 -11.72 38.21 -15.04
C THR C 186 -13.11 38.77 -15.32
N LYS C 187 -13.72 39.38 -14.29
CA LYS C 187 -15.02 39.97 -14.52
C LYS C 187 -14.97 40.98 -15.67
N ASP C 188 -13.93 41.81 -15.69
CA ASP C 188 -13.86 42.85 -16.71
C ASP C 188 -13.72 42.27 -18.10
N GLU C 189 -12.97 41.16 -18.24
CA GLU C 189 -12.86 40.55 -19.55
C GLU C 189 -14.15 39.86 -19.95
N TYR C 190 -14.80 39.19 -18.99
CA TYR C 190 -16.08 38.57 -19.26
C TYR C 190 -17.09 39.61 -19.74
N GLU C 191 -17.04 40.82 -19.18
CA GLU C 191 -18.00 41.86 -19.50
C GLU C 191 -17.72 42.53 -20.84
N ARG C 192 -16.59 42.22 -21.47
CA ARG C 192 -16.23 42.72 -22.78
C ARG C 192 -17.01 42.03 -23.91
N HIS C 193 -17.63 40.89 -23.65
CA HIS C 193 -18.18 40.07 -24.72
C HIS C 193 -19.55 39.56 -24.32
N ASN C 194 -20.30 39.07 -25.30
CA ASN C 194 -21.69 38.73 -25.06
C ASN C 194 -21.97 37.23 -25.20
N SER C 195 -21.55 36.60 -26.29
CA SER C 195 -21.91 35.22 -26.57
C SER C 195 -20.83 34.26 -26.06
N TYR C 196 -21.23 33.29 -25.23
CA TYR C 196 -20.32 32.26 -24.72
C TYR C 196 -20.87 30.90 -25.13
N THR C 197 -20.01 30.08 -25.72
CA THR C 197 -20.38 28.80 -26.34
C THR C 197 -19.36 27.72 -26.03
N CYS C 198 -19.82 26.52 -25.66
CA CYS C 198 -18.92 25.35 -25.66
C CYS C 198 -19.45 24.34 -26.67
N GLU C 199 -18.55 23.85 -27.51
CA GLU C 199 -18.84 23.01 -28.64
C GLU C 199 -18.13 21.69 -28.39
N ALA C 200 -18.90 20.61 -28.32
CA ALA C 200 -18.36 19.28 -27.99
C ALA C 200 -18.39 18.43 -29.25
N THR C 201 -17.22 17.95 -29.68
CA THR C 201 -17.10 17.09 -30.84
C THR C 201 -16.72 15.70 -30.36
N HIS C 202 -17.54 14.70 -30.71
CA HIS C 202 -17.41 13.35 -30.21
C HIS C 202 -17.74 12.39 -31.35
N LYS C 203 -17.16 11.18 -31.28
CA LYS C 203 -17.23 10.19 -32.37
C LYS C 203 -18.66 9.92 -32.81
N THR C 204 -19.63 10.09 -31.89
CA THR C 204 -21.05 9.81 -32.16
C THR C 204 -21.70 10.76 -33.16
N SER C 205 -21.03 11.84 -33.57
CA SER C 205 -21.65 12.68 -34.59
C SER C 205 -20.59 13.49 -35.32
N THR C 206 -20.86 13.79 -36.60
CA THR C 206 -19.99 14.71 -37.33
C THR C 206 -20.25 16.16 -36.92
N SER C 207 -21.40 16.41 -36.35
CA SER C 207 -21.78 17.75 -35.98
C SER C 207 -21.51 17.94 -34.52
N PRO C 208 -20.88 19.05 -34.13
CA PRO C 208 -20.66 19.29 -32.70
C PRO C 208 -21.97 19.60 -32.01
N ILE C 209 -22.02 19.25 -30.74
CA ILE C 209 -23.10 19.67 -29.86
C ILE C 209 -22.69 21.03 -29.31
N VAL C 210 -23.54 22.02 -29.51
CA VAL C 210 -23.22 23.40 -29.18
C VAL C 210 -24.20 23.86 -28.12
N LYS C 211 -23.68 24.40 -27.00
CA LYS C 211 -24.52 25.01 -25.98
C LYS C 211 -24.02 26.42 -25.77
N SER C 212 -24.95 27.36 -25.60
CA SER C 212 -24.58 28.77 -25.56
C SER C 212 -25.43 29.53 -24.57
N PHE C 213 -24.93 30.70 -24.15
CA PHE C 213 -25.75 31.70 -23.48
C PHE C 213 -25.25 33.08 -23.86
N ASN C 214 -26.08 34.09 -23.61
CA ASN C 214 -25.69 35.46 -23.82
C ASN C 214 -25.65 36.16 -22.48
N ARG C 215 -24.53 36.80 -22.18
CA ARG C 215 -24.32 37.46 -20.91
C ARG C 215 -25.41 38.50 -20.67
#